data_7XCE
#
_entry.id   7XCE
#
_cell.length_a   97.877
_cell.length_b   97.877
_cell.length_c   89.101
_cell.angle_alpha   90.000
_cell.angle_beta   90.000
_cell.angle_gamma   90.000
#
_symmetry.space_group_name_H-M   'P 41 21 2'
#
loop_
_entity.id
_entity.type
_entity.pdbx_description
1 polymer Neurofascin,Ankyrin-3
2 non-polymer 'SULFATE ION'
3 non-polymer GLYCEROL
4 water water
#
_entity_poly.entity_id   1
_entity_poly.type   'polypeptide(L)'
_entity_poly.pdbx_seq_one_letter_code
;GPGSEFSDDSLVDYGEGGEGQFNEDGSFIGQYTVGSLVPRGSNDITPLHVASKRGNANMVKLLLDRGAKIDAKTRDGLTP
LHCGARSGHEQVVEMLLDRAAPILSKTKNGLSPLHMATQGDHLNCVQLLLQHNVPVDDVTNDYLTALHVAAHCGHYKVAK
VLLDKKANPNAKALNGFTPLHIACKKNRIRVMELLLKHGASIQAVTESGLTPIHVAAFMGHVNIVSQLMHHGASPNTTNV
RGETALHMAARSGQAEVVRYLVQDGAQV
;
_entity_poly.pdbx_strand_id   A
#
loop_
_chem_comp.id
_chem_comp.type
_chem_comp.name
_chem_comp.formula
GOL non-polymer GLYCEROL 'C3 H8 O3'
SO4 non-polymer 'SULFATE ION' 'O4 S -2'
#
# COMPACT_ATOMS: atom_id res chain seq x y z
N GLU A 19 -46.94 17.26 4.71
CA GLU A 19 -45.68 17.60 5.39
C GLU A 19 -44.50 17.39 4.44
N GLY A 20 -44.69 16.67 3.34
CA GLY A 20 -43.62 16.51 2.35
C GLY A 20 -43.26 17.81 1.62
N GLN A 21 -44.12 18.82 1.73
CA GLN A 21 -43.89 20.12 1.11
C GLN A 21 -42.74 20.89 1.74
N PHE A 22 -42.24 20.44 2.89
CA PHE A 22 -41.18 21.13 3.60
C PHE A 22 -39.86 20.39 3.51
N ASN A 23 -39.74 19.49 2.54
CA ASN A 23 -38.52 18.77 2.21
C ASN A 23 -38.00 19.24 0.85
N GLU A 24 -36.78 18.81 0.55
CA GLU A 24 -36.24 18.97 -0.80
C GLU A 24 -37.00 18.03 -1.72
N ASP A 25 -37.33 18.48 -2.91
CA ASP A 25 -38.05 17.65 -3.87
C ASP A 25 -37.40 17.73 -5.24
N GLY A 26 -37.98 17.05 -6.22
CA GLY A 26 -37.43 17.03 -7.56
C GLY A 26 -36.61 15.79 -7.82
N SER A 27 -36.28 15.57 -9.08
CA SER A 27 -35.52 14.40 -9.48
C SER A 27 -34.12 14.75 -9.96
N PHE A 28 -33.55 15.88 -9.53
CA PHE A 28 -32.22 16.21 -10.01
C PHE A 28 -31.15 16.16 -8.93
N ILE A 29 -31.51 16.21 -7.66
CA ILE A 29 -30.54 16.18 -6.60
C ILE A 29 -29.85 14.82 -6.62
N GLY A 30 -28.52 14.83 -6.66
CA GLY A 30 -27.73 13.60 -6.67
C GLY A 30 -27.59 12.92 -8.00
N GLN A 31 -28.25 13.41 -9.06
CA GLN A 31 -28.13 12.75 -10.36
C GLN A 31 -26.93 13.19 -11.17
N TYR A 32 -26.21 14.23 -10.74
CA TYR A 32 -25.10 14.75 -11.53
C TYR A 32 -23.79 14.76 -10.76
N THR A 33 -23.69 13.95 -9.70
CA THR A 33 -22.45 13.80 -8.95
C THR A 33 -21.42 13.02 -9.76
N VAL A 34 -21.80 11.84 -10.24
CA VAL A 34 -20.97 10.97 -11.05
C VAL A 34 -21.87 10.29 -12.07
N GLY A 35 -21.26 9.79 -13.14
CA GLY A 35 -21.96 8.99 -14.11
C GLY A 35 -22.63 9.81 -15.17
N SER A 36 -23.03 9.13 -16.23
CA SER A 36 -23.64 9.77 -17.41
C SER A 36 -24.88 9.00 -17.90
N LEU A 37 -26.00 9.15 -17.19
CA LEU A 37 -27.31 8.58 -17.52
C LEU A 37 -27.42 7.11 -17.17
N VAL A 38 -26.41 6.51 -16.54
CA VAL A 38 -26.46 5.12 -16.13
C VAL A 38 -26.70 5.13 -14.62
N PRO A 39 -27.83 4.61 -14.14
CA PRO A 39 -28.15 4.69 -12.70
C PRO A 39 -27.16 3.92 -11.82
N ARG A 40 -26.91 4.47 -10.64
CA ARG A 40 -26.04 3.86 -9.65
C ARG A 40 -26.93 3.49 -8.46
N GLY A 41 -26.66 2.32 -7.88
CA GLY A 41 -27.56 1.77 -6.88
C GLY A 41 -27.76 2.64 -5.65
N SER A 42 -26.68 3.25 -5.17
CA SER A 42 -26.74 4.06 -3.95
C SER A 42 -25.89 5.29 -4.14
N ASN A 43 -26.27 6.37 -3.46
CA ASN A 43 -25.47 7.58 -3.55
C ASN A 43 -24.38 7.57 -2.47
N ASP A 44 -23.60 6.48 -2.47
CA ASP A 44 -22.48 6.31 -1.54
C ASP A 44 -21.35 7.30 -1.84
N ILE A 45 -21.16 7.65 -3.12
CA ILE A 45 -20.15 8.61 -3.57
C ILE A 45 -20.76 10.00 -3.43
N THR A 46 -20.23 10.81 -2.53
CA THR A 46 -20.79 12.11 -2.27
C THR A 46 -20.04 13.17 -3.03
N PRO A 47 -20.58 14.41 -3.11
CA PRO A 47 -19.84 15.48 -3.78
C PRO A 47 -18.46 15.72 -3.17
N LEU A 48 -18.35 15.59 -1.85
CA LEU A 48 -17.04 15.75 -1.22
C LEU A 48 -16.06 14.65 -1.65
N HIS A 49 -16.54 13.43 -1.92
CA HIS A 49 -15.65 12.40 -2.46
C HIS A 49 -15.13 12.81 -3.83
N VAL A 50 -16.03 13.33 -4.69
CA VAL A 50 -15.65 13.72 -6.04
C VAL A 50 -14.70 14.90 -5.98
N ALA A 51 -14.97 15.88 -5.12
CA ALA A 51 -14.10 17.04 -5.02
C ALA A 51 -12.70 16.66 -4.54
N SER A 52 -12.60 15.69 -3.63
CA SER A 52 -11.30 15.25 -3.12
C SER A 52 -10.55 14.41 -4.15
N LYS A 53 -11.26 13.55 -4.91
CA LYS A 53 -10.59 12.75 -5.91
C LYS A 53 -10.02 13.63 -7.02
N ARG A 54 -10.69 14.75 -7.31
CA ARG A 54 -10.19 15.66 -8.33
C ARG A 54 -9.11 16.58 -7.83
N GLY A 55 -8.97 16.75 -6.52
CA GLY A 55 -7.99 17.66 -6.00
C GLY A 55 -8.42 19.10 -5.97
N ASN A 56 -9.71 19.39 -6.19
CA ASN A 56 -10.20 20.76 -6.18
C ASN A 56 -10.39 21.26 -4.76
N ALA A 57 -9.39 21.95 -4.24
CA ALA A 57 -9.51 22.46 -2.88
C ALA A 57 -10.61 23.52 -2.77
N ASN A 58 -10.89 24.25 -3.84
CA ASN A 58 -11.98 25.23 -3.76
C ASN A 58 -13.33 24.54 -3.60
N MET A 59 -13.55 23.44 -4.33
CA MET A 59 -14.79 22.69 -4.15
C MET A 59 -14.84 22.09 -2.76
N VAL A 60 -13.70 21.62 -2.26
CA VAL A 60 -13.68 20.98 -0.94
C VAL A 60 -14.03 22.01 0.12
N LYS A 61 -13.41 23.18 0.06
CA LYS A 61 -13.73 24.21 1.05
C LYS A 61 -15.20 24.60 0.94
N LEU A 62 -15.72 24.69 -0.29
CA LEU A 62 -17.14 25.00 -0.47
C LEU A 62 -18.02 23.98 0.24
N LEU A 63 -17.79 22.69 -0.04
CA LEU A 63 -18.65 21.64 0.50
C LEU A 63 -18.49 21.49 2.00
N LEU A 64 -17.27 21.63 2.52
CA LEU A 64 -17.07 21.57 3.95
C LEU A 64 -17.76 22.75 4.64
N ASP A 65 -17.77 23.92 3.99
CA ASP A 65 -18.42 25.07 4.60
C ASP A 65 -19.93 24.90 4.65
N ARG A 66 -20.51 24.18 3.70
CA ARG A 66 -21.94 23.91 3.75
C ARG A 66 -22.28 22.74 4.65
N GLY A 67 -21.29 22.16 5.35
CA GLY A 67 -21.55 21.07 6.27
C GLY A 67 -21.51 19.68 5.70
N ALA A 68 -20.81 19.47 4.59
CA ALA A 68 -20.73 18.11 4.04
C ALA A 68 -20.06 17.19 5.04
N LYS A 69 -20.56 15.97 5.13
CA LYS A 69 -20.01 14.99 6.05
C LYS A 69 -18.57 14.68 5.66
N ILE A 70 -17.64 15.00 6.55
CA ILE A 70 -16.23 14.86 6.21
C ILE A 70 -15.76 13.42 6.24
N ASP A 71 -16.48 12.53 6.94
CA ASP A 71 -16.08 11.14 7.07
C ASP A 71 -17.08 10.18 6.42
N ALA A 72 -17.83 10.64 5.43
CA ALA A 72 -18.75 9.75 4.73
C ALA A 72 -17.97 8.68 4.00
N LYS A 73 -18.53 7.49 3.90
CA LYS A 73 -17.84 6.38 3.28
C LYS A 73 -18.54 5.87 2.04
N THR A 74 -17.77 5.32 1.11
CA THR A 74 -18.36 4.75 -0.08
C THR A 74 -18.70 3.30 0.27
N ARG A 75 -19.16 2.52 -0.71
CA ARG A 75 -19.50 1.14 -0.41
C ARG A 75 -18.28 0.39 0.11
N ASP A 76 -17.11 0.68 -0.45
CA ASP A 76 -15.84 0.08 -0.02
C ASP A 76 -15.25 0.71 1.23
N GLY A 77 -15.84 1.77 1.76
CA GLY A 77 -15.33 2.39 2.95
C GLY A 77 -14.36 3.53 2.76
N LEU A 78 -14.29 4.10 1.57
CA LEU A 78 -13.34 5.17 1.33
C LEU A 78 -13.96 6.48 1.79
N THR A 79 -13.25 7.21 2.66
CA THR A 79 -13.60 8.57 3.03
C THR A 79 -13.03 9.56 2.02
N PRO A 80 -13.47 10.82 2.04
CA PRO A 80 -12.81 11.81 1.16
C PRO A 80 -11.31 11.90 1.36
N LEU A 81 -10.82 11.72 2.60
CA LEU A 81 -9.38 11.73 2.83
C LEU A 81 -8.67 10.58 2.11
N HIS A 82 -9.30 9.41 2.02
CA HIS A 82 -8.75 8.30 1.26
C HIS A 82 -8.60 8.68 -0.21
N CYS A 83 -9.62 9.33 -0.78
CA CYS A 83 -9.60 9.67 -2.20
C CYS A 83 -8.55 10.73 -2.51
N GLY A 84 -8.40 11.75 -1.64
CA GLY A 84 -7.40 12.76 -1.88
C GLY A 84 -5.98 12.21 -1.75
N ALA A 85 -5.75 11.31 -0.77
CA ALA A 85 -4.43 10.73 -0.59
C ALA A 85 -4.10 9.74 -1.68
N ARG A 86 -5.10 9.01 -2.17
CA ARG A 86 -4.85 8.02 -3.22
C ARG A 86 -4.36 8.69 -4.49
N SER A 87 -4.87 9.87 -4.78
CA SER A 87 -4.49 10.61 -5.97
C SER A 87 -3.43 11.66 -5.72
N GLY A 88 -2.96 11.79 -4.48
CA GLY A 88 -1.86 12.69 -4.17
C GLY A 88 -2.17 14.17 -4.20
N HIS A 89 -3.43 14.55 -3.96
CA HIS A 89 -3.81 15.95 -3.92
C HIS A 89 -3.51 16.51 -2.54
N GLU A 90 -2.29 17.04 -2.42
CA GLU A 90 -1.76 17.48 -1.13
C GLU A 90 -2.61 18.59 -0.50
N GLN A 91 -3.04 19.56 -1.29
CA GLN A 91 -3.80 20.66 -0.71
C GLN A 91 -5.14 20.17 -0.15
N VAL A 92 -5.82 19.27 -0.87
CA VAL A 92 -7.08 18.69 -0.40
C VAL A 92 -6.86 17.92 0.89
N VAL A 93 -5.77 17.15 0.94
CA VAL A 93 -5.48 16.33 2.11
C VAL A 93 -5.23 17.23 3.31
N GLU A 94 -4.40 18.25 3.16
CA GLU A 94 -4.19 19.15 4.30
C GLU A 94 -5.49 19.81 4.73
N MET A 95 -6.30 20.22 3.76
CA MET A 95 -7.55 20.87 4.10
C MET A 95 -8.46 19.91 4.87
N LEU A 96 -8.49 18.63 4.48
CA LEU A 96 -9.31 17.68 5.22
C LEU A 96 -8.73 17.43 6.61
N LEU A 97 -7.41 17.30 6.69
CA LEU A 97 -6.80 17.07 7.99
C LEU A 97 -7.02 18.27 8.91
N ASP A 98 -6.88 19.49 8.37
CA ASP A 98 -7.07 20.69 9.21
C ASP A 98 -8.51 20.82 9.66
N ARG A 99 -9.47 20.25 8.94
CA ARG A 99 -10.84 20.25 9.42
C ARG A 99 -11.23 18.98 10.12
N ALA A 100 -10.24 18.26 10.64
CA ALA A 100 -10.44 17.10 11.52
C ALA A 100 -11.08 15.91 10.82
N ALA A 101 -10.66 15.62 9.59
CA ALA A 101 -11.05 14.34 9.02
C ALA A 101 -10.30 13.26 9.77
N PRO A 102 -10.95 12.15 10.11
CA PRO A 102 -10.26 11.06 10.84
C PRO A 102 -9.11 10.49 10.01
N ILE A 103 -7.90 10.54 10.59
CA ILE A 103 -6.69 10.10 9.89
C ILE A 103 -6.55 8.59 9.80
N LEU A 104 -7.19 7.84 10.72
CA LEU A 104 -7.04 6.40 10.74
C LEU A 104 -8.26 5.65 10.22
N SER A 105 -9.18 6.32 9.55
CA SER A 105 -10.36 5.65 9.03
C SER A 105 -9.93 4.53 8.10
N LYS A 106 -10.61 3.39 8.17
CA LYS A 106 -10.16 2.28 7.34
C LYS A 106 -11.23 1.82 6.37
N THR A 107 -10.79 1.30 5.22
CA THR A 107 -11.68 0.74 4.22
C THR A 107 -12.02 -0.68 4.60
N LYS A 108 -12.94 -1.30 3.85
CA LYS A 108 -13.42 -2.63 4.24
C LYS A 108 -12.29 -3.65 4.41
N ASN A 109 -11.14 -3.43 3.79
CA ASN A 109 -10.03 -4.35 3.95
C ASN A 109 -8.92 -3.77 4.79
N GLY A 110 -9.20 -2.68 5.50
CA GLY A 110 -8.25 -2.12 6.44
C GLY A 110 -7.25 -1.13 5.91
N LEU A 111 -7.51 -0.48 4.77
CA LEU A 111 -6.57 0.48 4.20
C LEU A 111 -6.82 1.84 4.83
N SER A 112 -5.77 2.43 5.39
CA SER A 112 -5.83 3.81 5.86
C SER A 112 -5.45 4.76 4.73
N PRO A 113 -5.70 6.06 4.88
CA PRO A 113 -5.24 7.00 3.84
C PRO A 113 -3.74 6.91 3.58
N LEU A 114 -2.90 6.59 4.58
CA LEU A 114 -1.46 6.46 4.34
C LEU A 114 -1.15 5.30 3.39
N HIS A 115 -1.90 4.18 3.49
CA HIS A 115 -1.66 3.07 2.57
C HIS A 115 -1.96 3.48 1.12
N MET A 116 -3.00 4.29 0.94
CA MET A 116 -3.38 4.71 -0.40
C MET A 116 -2.45 5.77 -0.97
N ALA A 117 -1.90 6.65 -0.13
CA ALA A 117 -0.88 7.57 -0.60
C ALA A 117 0.37 6.82 -1.00
N THR A 118 0.74 5.81 -0.23
CA THR A 118 1.87 4.96 -0.56
C THR A 118 1.66 4.21 -1.86
N GLN A 119 0.45 3.72 -2.09
CA GLN A 119 0.12 2.97 -3.28
C GLN A 119 0.28 3.82 -4.55
N GLY A 120 0.02 5.12 -4.47
CA GLY A 120 0.17 5.98 -5.61
C GLY A 120 1.52 6.65 -5.69
N ASP A 121 2.48 6.27 -4.82
CA ASP A 121 3.83 6.84 -4.83
C ASP A 121 3.77 8.35 -4.66
N HIS A 122 3.00 8.81 -3.67
CA HIS A 122 2.80 10.25 -3.44
C HIS A 122 3.61 10.66 -2.23
N LEU A 123 4.82 11.19 -2.49
CA LEU A 123 5.70 11.58 -1.40
C LEU A 123 5.10 12.70 -0.58
N ASN A 124 4.44 13.64 -1.23
CA ASN A 124 3.96 14.80 -0.50
C ASN A 124 2.88 14.38 0.49
N CYS A 125 1.96 13.51 0.09
CA CYS A 125 0.87 13.11 0.96
C CYS A 125 1.31 12.11 2.02
N VAL A 126 2.30 11.26 1.72
CA VAL A 126 2.82 10.37 2.76
C VAL A 126 3.45 11.19 3.87
N GLN A 127 4.27 12.18 3.49
CA GLN A 127 4.86 13.06 4.49
C GLN A 127 3.79 13.82 5.26
N LEU A 128 2.81 14.38 4.55
CA LEU A 128 1.77 15.16 5.21
C LEU A 128 1.00 14.32 6.23
N LEU A 129 0.66 13.07 5.89
CA LEU A 129 -0.03 12.23 6.87
C LEU A 129 0.91 11.86 8.03
N LEU A 130 2.18 11.60 7.74
CA LEU A 130 3.10 11.29 8.82
C LEU A 130 3.28 12.48 9.76
N GLN A 131 3.31 13.70 9.21
CA GLN A 131 3.40 14.89 10.04
C GLN A 131 2.19 15.08 10.92
N HIS A 132 1.04 14.51 10.56
CA HIS A 132 -0.18 14.55 11.37
C HIS A 132 -0.33 13.33 12.27
N ASN A 133 0.79 12.66 12.59
CA ASN A 133 0.90 11.61 13.62
C ASN A 133 0.16 10.32 13.28
N VAL A 134 0.14 9.94 12.01
CA VAL A 134 -0.35 8.62 11.64
C VAL A 134 0.69 7.58 12.02
N PRO A 135 0.35 6.55 12.76
CA PRO A 135 1.37 5.54 13.09
C PRO A 135 1.96 4.95 11.81
N VAL A 136 3.30 5.02 11.70
CA VAL A 136 3.97 4.66 10.45
C VAL A 136 3.72 3.19 10.10
N ASP A 137 3.54 2.32 11.09
CA ASP A 137 3.33 0.90 10.81
C ASP A 137 1.89 0.48 11.05
N ASP A 138 0.94 1.38 10.81
CA ASP A 138 -0.47 1.02 10.81
C ASP A 138 -0.73 -0.07 9.76
N VAL A 139 -1.52 -1.11 10.11
CA VAL A 139 -1.63 -2.29 9.27
C VAL A 139 -3.03 -2.41 8.64
N THR A 140 -3.08 -3.06 7.48
CA THR A 140 -4.34 -3.44 6.84
C THR A 140 -4.82 -4.73 7.49
N ASN A 141 -5.89 -5.31 6.97
CA ASN A 141 -6.39 -6.56 7.54
C ASN A 141 -5.46 -7.74 7.23
N ASP A 142 -4.68 -7.68 6.15
CA ASP A 142 -3.63 -8.66 5.90
C ASP A 142 -2.38 -8.39 6.71
N TYR A 143 -2.44 -7.43 7.62
CA TYR A 143 -1.27 -6.94 8.37
C TYR A 143 -0.17 -6.39 7.47
N LEU A 144 -0.56 -5.65 6.43
CA LEU A 144 0.41 -4.95 5.60
C LEU A 144 0.63 -3.53 6.15
N THR A 145 1.87 -3.19 6.43
CA THR A 145 2.16 -1.78 6.67
C THR A 145 2.26 -1.03 5.34
N ALA A 146 2.38 0.30 5.43
CA ALA A 146 2.64 1.08 4.24
C ALA A 146 3.95 0.67 3.58
N LEU A 147 4.96 0.26 4.38
CA LEU A 147 6.21 -0.22 3.81
C LEU A 147 6.02 -1.50 3.01
N HIS A 148 5.13 -2.39 3.47
CA HIS A 148 4.77 -3.57 2.69
C HIS A 148 4.21 -3.17 1.34
N VAL A 149 3.30 -2.19 1.34
CA VAL A 149 2.67 -1.75 0.11
C VAL A 149 3.70 -1.10 -0.83
N ALA A 150 4.61 -0.31 -0.28
CA ALA A 150 5.66 0.28 -1.11
C ALA A 150 6.54 -0.79 -1.71
N ALA A 151 6.81 -1.85 -0.95
CA ALA A 151 7.60 -2.94 -1.50
C ALA A 151 6.81 -3.71 -2.55
N HIS A 152 5.50 -3.81 -2.39
CA HIS A 152 4.69 -4.51 -3.37
C HIS A 152 4.68 -3.77 -4.70
N CYS A 153 4.48 -2.45 -4.64
CA CYS A 153 4.43 -1.61 -5.82
C CYS A 153 5.81 -1.21 -6.36
N GLY A 154 6.86 -1.36 -5.59
CA GLY A 154 8.17 -0.97 -6.08
C GLY A 154 8.43 0.52 -5.95
N HIS A 155 7.81 1.19 -4.97
CA HIS A 155 7.97 2.63 -4.76
C HIS A 155 9.13 2.90 -3.82
N TYR A 156 10.30 3.07 -4.43
CA TYR A 156 11.55 3.31 -3.72
C TYR A 156 11.50 4.60 -2.91
N LYS A 157 10.98 5.65 -3.50
CA LYS A 157 10.98 6.98 -2.89
C LYS A 157 10.17 6.97 -1.60
N VAL A 158 8.98 6.37 -1.64
CA VAL A 158 8.11 6.36 -0.49
C VAL A 158 8.65 5.43 0.59
N ALA A 159 9.20 4.28 0.17
CA ALA A 159 9.75 3.35 1.14
C ALA A 159 10.86 4.02 1.93
N LYS A 160 11.68 4.83 1.25
CA LYS A 160 12.75 5.51 1.95
C LYS A 160 12.18 6.50 2.96
N VAL A 161 11.05 7.14 2.63
CA VAL A 161 10.44 8.05 3.60
C VAL A 161 9.92 7.28 4.81
N LEU A 162 9.24 6.16 4.58
CA LEU A 162 8.72 5.38 5.70
C LEU A 162 9.87 4.84 6.56
N LEU A 163 10.94 4.34 5.94
CA LEU A 163 12.07 3.83 6.73
C LEU A 163 12.74 4.95 7.52
N ASP A 164 12.81 6.16 6.95
CA ASP A 164 13.36 7.29 7.72
C ASP A 164 12.48 7.62 8.90
N LYS A 165 11.16 7.42 8.80
CA LYS A 165 10.30 7.59 9.95
C LYS A 165 10.14 6.29 10.70
N LYS A 166 11.14 5.42 10.60
CA LYS A 166 11.30 4.22 11.44
C LYS A 166 10.22 3.15 11.23
N ALA A 167 9.92 2.86 9.98
CA ALA A 167 9.05 1.74 9.70
C ALA A 167 9.85 0.47 9.86
N ASN A 168 9.24 -0.51 10.50
CA ASN A 168 9.89 -1.79 10.75
C ASN A 168 10.13 -2.58 9.46
N PRO A 169 11.38 -2.75 9.04
CA PRO A 169 11.65 -3.50 7.80
C PRO A 169 11.43 -4.99 7.92
N ASN A 170 11.23 -5.52 9.13
CA ASN A 170 10.97 -6.95 9.31
C ASN A 170 9.55 -7.21 9.79
N ALA A 171 8.65 -6.23 9.62
CA ALA A 171 7.26 -6.42 9.96
C ALA A 171 6.65 -7.53 9.11
N LYS A 172 5.82 -8.37 9.72
CA LYS A 172 5.30 -9.55 9.03
C LYS A 172 3.83 -9.37 8.70
N ALA A 173 3.47 -9.75 7.47
CA ALA A 173 2.05 -9.82 7.12
C ALA A 173 1.45 -11.07 7.75
N LEU A 174 0.18 -11.33 7.44
CA LEU A 174 -0.48 -12.52 7.95
C LEU A 174 0.27 -13.78 7.56
N ASN A 175 0.64 -13.91 6.29
CA ASN A 175 1.34 -15.10 5.86
C ASN A 175 2.86 -15.05 6.15
N GLY A 176 3.31 -14.17 7.05
CA GLY A 176 4.69 -14.05 7.47
C GLY A 176 5.64 -13.29 6.55
N PHE A 177 5.16 -12.75 5.43
CA PHE A 177 6.04 -12.03 4.51
C PHE A 177 6.44 -10.70 5.12
N THR A 178 7.74 -10.39 5.06
CA THR A 178 8.22 -9.05 5.38
C THR A 178 8.23 -8.22 4.12
N PRO A 179 8.43 -6.90 4.22
CA PRO A 179 8.61 -6.12 2.99
C PRO A 179 9.75 -6.64 2.13
N LEU A 180 10.76 -7.27 2.74
CA LEU A 180 11.82 -7.86 1.95
C LEU A 180 11.32 -9.09 1.18
N HIS A 181 10.51 -9.94 1.81
CA HIS A 181 9.94 -11.08 1.08
C HIS A 181 9.11 -10.59 -0.10
N ILE A 182 8.36 -9.51 0.10
CA ILE A 182 7.52 -8.99 -0.96
C ILE A 182 8.35 -8.39 -2.07
N ALA A 183 9.41 -7.63 -1.73
CA ALA A 183 10.25 -7.07 -2.78
C ALA A 183 10.90 -8.18 -3.60
N CYS A 184 11.18 -9.31 -2.97
CA CYS A 184 11.71 -10.45 -3.69
C CYS A 184 10.63 -11.18 -4.48
N LYS A 185 9.38 -11.21 -4.01
CA LYS A 185 8.36 -11.90 -4.79
C LYS A 185 8.00 -11.10 -6.02
N LYS A 186 8.02 -9.77 -5.92
CA LYS A 186 7.61 -8.88 -6.99
C LYS A 186 8.77 -8.32 -7.82
N ASN A 187 9.99 -8.81 -7.62
CA ASN A 187 11.14 -8.38 -8.42
C ASN A 187 11.40 -6.87 -8.34
N ARG A 188 11.42 -6.33 -7.12
CA ARG A 188 11.72 -4.91 -6.91
C ARG A 188 13.15 -4.78 -6.39
N ILE A 189 14.09 -4.70 -7.32
CA ILE A 189 15.50 -4.73 -6.94
C ILE A 189 15.89 -3.51 -6.11
N ARG A 190 15.43 -2.31 -6.49
CA ARG A 190 15.83 -1.11 -5.74
C ARG A 190 15.32 -1.15 -4.32
N VAL A 191 14.05 -1.56 -4.14
CA VAL A 191 13.48 -1.64 -2.81
C VAL A 191 14.17 -2.73 -2.01
N MET A 192 14.51 -3.86 -2.66
CA MET A 192 15.20 -4.93 -1.96
C MET A 192 16.53 -4.41 -1.43
N GLU A 193 17.28 -3.69 -2.26
CA GLU A 193 18.55 -3.13 -1.82
C GLU A 193 18.36 -2.11 -0.71
N LEU A 194 17.30 -1.29 -0.80
CA LEU A 194 17.10 -0.28 0.24
C LEU A 194 16.75 -0.91 1.58
N LEU A 195 15.95 -1.97 1.55
CA LEU A 195 15.57 -2.64 2.78
C LEU A 195 16.78 -3.30 3.43
N LEU A 196 17.65 -3.90 2.60
CA LEU A 196 18.84 -4.51 3.17
C LEU A 196 19.72 -3.45 3.81
N LYS A 197 19.80 -2.25 3.20
CA LYS A 197 20.62 -1.21 3.81
C LYS A 197 19.99 -0.73 5.10
N HIS A 198 18.68 -0.86 5.23
CA HIS A 198 18.02 -0.36 6.42
C HIS A 198 17.72 -1.47 7.41
N GLY A 199 18.37 -2.62 7.28
CA GLY A 199 18.30 -3.60 8.33
C GLY A 199 17.23 -4.65 8.21
N ALA A 200 16.72 -4.89 7.01
CA ALA A 200 15.78 -5.98 6.84
C ALA A 200 16.57 -7.28 6.91
N SER A 201 16.08 -8.23 7.70
CA SER A 201 16.79 -9.48 7.90
C SER A 201 16.73 -10.36 6.64
N ILE A 202 17.90 -10.72 6.12
CA ILE A 202 17.96 -11.58 4.94
C ILE A 202 17.59 -13.02 5.27
N GLN A 203 17.61 -13.40 6.54
CA GLN A 203 17.22 -14.76 6.92
C GLN A 203 15.84 -14.83 7.55
N ALA A 204 15.02 -13.78 7.39
CA ALA A 204 13.67 -13.82 7.94
C ALA A 204 12.88 -14.94 7.27
N VAL A 205 11.98 -15.53 8.04
CA VAL A 205 11.29 -16.69 7.54
C VAL A 205 9.78 -16.45 7.58
N THR A 206 9.06 -17.03 6.62
CA THR A 206 7.61 -16.86 6.56
C THR A 206 6.93 -17.96 7.35
N GLU A 207 5.60 -18.05 7.21
CA GLU A 207 4.86 -19.07 7.95
C GLU A 207 5.21 -20.48 7.49
N SER A 208 5.57 -20.64 6.21
CA SER A 208 5.93 -21.93 5.64
C SER A 208 7.45 -22.10 5.54
N GLY A 209 8.22 -21.33 6.30
CA GLY A 209 9.65 -21.52 6.36
C GLY A 209 10.45 -20.89 5.24
N LEU A 210 9.87 -20.03 4.42
CA LEU A 210 10.59 -19.49 3.28
C LEU A 210 11.39 -18.27 3.67
N THR A 211 12.59 -18.19 3.13
CA THR A 211 13.44 -17.03 3.25
C THR A 211 13.30 -16.18 1.98
N PRO A 212 13.80 -14.94 2.00
CA PRO A 212 13.76 -14.14 0.76
C PRO A 212 14.40 -14.82 -0.44
N ILE A 213 15.46 -15.61 -0.26
CA ILE A 213 16.06 -16.26 -1.43
C ILE A 213 15.22 -17.43 -1.93
N HIS A 214 14.44 -18.07 -1.05
CA HIS A 214 13.48 -19.07 -1.50
C HIS A 214 12.46 -18.41 -2.40
N VAL A 215 12.00 -17.21 -2.00
CA VAL A 215 10.95 -16.53 -2.76
C VAL A 215 11.46 -16.07 -4.11
N ALA A 216 12.66 -15.48 -4.16
CA ALA A 216 13.16 -15.01 -5.44
C ALA A 216 13.49 -16.18 -6.34
N ALA A 217 14.02 -17.27 -5.78
CA ALA A 217 14.40 -18.42 -6.59
C ALA A 217 13.18 -19.12 -7.17
N PHE A 218 12.07 -19.12 -6.44
CA PHE A 218 10.87 -19.76 -6.97
C PHE A 218 10.32 -18.97 -8.16
N MET A 219 10.30 -17.65 -8.06
CA MET A 219 9.73 -16.88 -9.15
C MET A 219 10.71 -16.62 -10.27
N GLY A 220 11.97 -16.98 -10.11
CA GLY A 220 12.92 -16.83 -11.20
C GLY A 220 13.52 -15.46 -11.32
N HIS A 221 13.72 -14.77 -10.21
CA HIS A 221 14.27 -13.43 -10.26
C HIS A 221 15.75 -13.62 -10.00
N VAL A 222 16.49 -13.78 -11.09
CA VAL A 222 17.89 -14.16 -10.99
C VAL A 222 18.73 -13.03 -10.40
N ASN A 223 18.46 -11.80 -10.82
CA ASN A 223 19.25 -10.67 -10.33
C ASN A 223 19.09 -10.52 -8.83
N ILE A 224 17.87 -10.73 -8.34
CA ILE A 224 17.61 -10.68 -6.91
C ILE A 224 18.30 -11.84 -6.19
N VAL A 225 18.28 -13.04 -6.79
CA VAL A 225 18.95 -14.18 -6.16
C VAL A 225 20.45 -13.90 -6.01
N SER A 226 21.09 -13.42 -7.09
CA SER A 226 22.52 -13.15 -7.01
C SER A 226 22.82 -12.02 -6.02
N GLN A 227 21.95 -10.99 -6.00
CA GLN A 227 22.17 -9.89 -5.06
C GLN A 227 21.99 -10.38 -3.63
N LEU A 228 21.01 -11.25 -3.41
CA LEU A 228 20.86 -11.82 -2.08
C LEU A 228 22.08 -12.67 -1.74
N MET A 229 22.65 -13.34 -2.74
CA MET A 229 23.83 -14.16 -2.51
C MET A 229 25.02 -13.29 -2.12
N HIS A 230 25.16 -12.11 -2.75
CA HIS A 230 26.25 -11.19 -2.40
C HIS A 230 26.11 -10.67 -0.99
N HIS A 231 24.89 -10.51 -0.49
CA HIS A 231 24.69 -10.00 0.86
C HIS A 231 24.70 -11.10 1.92
N GLY A 232 24.95 -12.34 1.54
CA GLY A 232 25.11 -13.40 2.51
C GLY A 232 23.90 -14.28 2.67
N ALA A 233 23.02 -14.34 1.67
CA ALA A 233 21.86 -15.20 1.79
C ALA A 233 22.31 -16.65 1.72
N SER A 234 21.89 -17.45 2.67
CA SER A 234 22.29 -18.83 2.67
C SER A 234 21.46 -19.60 1.66
N PRO A 235 22.08 -20.25 0.68
CA PRO A 235 21.31 -21.02 -0.29
C PRO A 235 20.95 -22.40 0.24
N ASN A 236 21.60 -22.85 1.31
CA ASN A 236 21.36 -24.19 1.86
C ASN A 236 20.26 -24.22 2.90
N THR A 237 19.69 -23.08 3.28
CA THR A 237 18.61 -23.09 4.25
C THR A 237 17.40 -23.78 3.63
N THR A 238 16.62 -24.47 4.46
CA THR A 238 15.49 -25.24 3.96
C THR A 238 14.19 -24.75 4.57
N ASN A 239 13.10 -24.94 3.84
CA ASN A 239 11.79 -24.55 4.33
C ASN A 239 11.14 -25.68 5.14
N VAL A 240 9.86 -25.51 5.48
CA VAL A 240 9.16 -26.53 6.27
C VAL A 240 9.09 -27.84 5.51
N ARG A 241 8.98 -27.78 4.18
CA ARG A 241 8.89 -28.96 3.35
C ARG A 241 10.27 -29.53 3.00
N GLY A 242 11.35 -28.97 3.58
CA GLY A 242 12.71 -29.44 3.41
C GLY A 242 13.45 -28.92 2.19
N GLU A 243 12.84 -28.03 1.41
CA GLU A 243 13.43 -27.53 0.17
C GLU A 243 14.40 -26.36 0.38
N THR A 244 15.51 -26.38 -0.37
CA THR A 244 16.41 -25.25 -0.46
C THR A 244 15.92 -24.31 -1.57
N ALA A 245 16.68 -23.24 -1.82
CA ALA A 245 16.32 -22.36 -2.91
C ALA A 245 16.46 -23.05 -4.26
N LEU A 246 17.48 -23.91 -4.40
CA LEU A 246 17.63 -24.65 -5.64
C LEU A 246 16.50 -25.64 -5.86
N HIS A 247 15.96 -26.23 -4.79
CA HIS A 247 14.85 -27.15 -4.97
C HIS A 247 13.65 -26.42 -5.53
N MET A 248 13.39 -25.22 -5.02
CA MET A 248 12.24 -24.46 -5.49
C MET A 248 12.45 -23.89 -6.88
N ALA A 249 13.69 -23.51 -7.22
CA ALA A 249 13.95 -23.06 -8.58
C ALA A 249 13.83 -24.22 -9.55
N ALA A 250 14.19 -25.42 -9.11
CA ALA A 250 14.06 -26.59 -9.97
C ALA A 250 12.60 -27.05 -10.04
N ARG A 251 11.87 -26.96 -8.92
CA ARG A 251 10.48 -27.40 -8.95
C ARG A 251 9.65 -26.49 -9.84
N SER A 252 9.97 -25.19 -9.90
CA SER A 252 9.21 -24.28 -10.76
C SER A 252 9.80 -24.18 -12.16
N GLY A 253 11.01 -24.69 -12.38
CA GLY A 253 11.58 -24.69 -13.70
C GLY A 253 12.32 -23.42 -14.10
N GLN A 254 12.81 -22.65 -13.12
CA GLN A 254 13.54 -21.43 -13.45
C GLN A 254 14.94 -21.87 -13.79
N ALA A 255 15.16 -22.13 -15.08
CA ALA A 255 16.41 -22.72 -15.52
C ALA A 255 17.57 -21.76 -15.31
N GLU A 256 17.33 -20.46 -15.41
CA GLU A 256 18.44 -19.53 -15.23
C GLU A 256 18.80 -19.34 -13.76
N VAL A 257 17.80 -19.42 -12.87
CA VAL A 257 18.10 -19.45 -11.44
C VAL A 257 18.86 -20.73 -11.11
N VAL A 258 18.41 -21.85 -11.69
CA VAL A 258 19.10 -23.13 -11.51
C VAL A 258 20.52 -23.03 -12.04
N ARG A 259 20.68 -22.51 -13.26
CA ARG A 259 22.02 -22.37 -13.82
C ARG A 259 22.90 -21.49 -12.94
N TYR A 260 22.35 -20.42 -12.36
CA TYR A 260 23.17 -19.54 -11.54
C TYR A 260 23.57 -20.22 -10.24
N LEU A 261 22.64 -20.95 -9.63
CA LEU A 261 22.93 -21.52 -8.32
C LEU A 261 23.97 -22.62 -8.43
N VAL A 262 23.87 -23.46 -9.47
CA VAL A 262 24.81 -24.56 -9.64
C VAL A 262 26.17 -24.05 -10.11
N GLN A 263 26.18 -23.08 -11.03
CA GLN A 263 27.43 -22.57 -11.57
C GLN A 263 28.20 -21.73 -10.55
N ASP A 264 27.56 -21.27 -9.47
CA ASP A 264 28.22 -20.50 -8.43
C ASP A 264 28.90 -21.40 -7.38
S SO4 B . 12.34 -1.31 -8.13
O1 SO4 B . 11.99 0.00 -8.71
O2 SO4 B . 12.11 -1.30 -6.69
O3 SO4 B . 13.75 -1.63 -8.40
O4 SO4 B . 11.48 -2.32 -8.74
C1 GOL C . 4.76 -4.82 12.54
O1 GOL C . 5.20 -3.63 13.25
C2 GOL C . 3.20 -4.74 12.23
O2 GOL C . 2.51 -4.81 13.42
C3 GOL C . 2.70 -5.98 11.23
O3 GOL C . 3.14 -5.97 9.84
#